data_2CRD
#
_entry.id   2CRD
#
_cell.length_a   1.000
_cell.length_b   1.000
_cell.length_c   1.000
_cell.angle_alpha   90.00
_cell.angle_beta   90.00
_cell.angle_gamma   90.00
#
_symmetry.space_group_name_H-M   'P 1'
#
_entity_poly.entity_id   1
_entity_poly.type   'polypeptide(L)'
_entity_poly.pdbx_seq_one_letter_code
;(PCA)FTNVSCTTSKECWSVCQRLHNTSRGKCMNKKCRCYS
;
_entity_poly.pdbx_strand_id   A
#
# COMPACT_ATOMS: atom_id res chain seq x y z
N PHE A 2 5.49 -6.15 0.91
CA PHE A 2 4.11 -6.61 0.59
C PHE A 2 3.15 -6.56 1.78
N THR A 3 1.90 -6.40 1.42
CA THR A 3 0.80 -6.33 2.40
C THR A 3 -0.32 -7.18 1.79
N ASN A 4 -1.08 -7.82 2.65
CA ASN A 4 -2.21 -8.68 2.15
C ASN A 4 -3.43 -7.84 1.81
N VAL A 5 -3.23 -6.56 1.73
CA VAL A 5 -4.35 -5.64 1.41
C VAL A 5 -4.55 -5.50 -0.09
N SER A 6 -5.73 -5.74 -0.60
CA SER A 6 -5.94 -5.60 -2.07
C SER A 6 -6.22 -4.13 -2.33
N CYS A 7 -6.63 -3.80 -3.52
CA CYS A 7 -6.91 -2.35 -3.76
C CYS A 7 -7.87 -2.12 -4.93
N THR A 8 -8.08 -0.86 -5.14
CA THR A 8 -8.97 -0.36 -6.23
C THR A 8 -8.33 0.96 -6.71
N THR A 9 -7.94 1.75 -5.74
CA THR A 9 -7.29 3.07 -6.01
C THR A 9 -6.07 3.16 -5.10
N SER A 10 -4.97 3.60 -5.66
CA SER A 10 -3.70 3.74 -4.87
C SER A 10 -3.85 4.45 -3.52
N LYS A 11 -4.88 5.22 -3.39
CA LYS A 11 -5.13 5.96 -2.11
C LYS A 11 -5.01 5.01 -0.91
N GLU A 12 -5.46 3.80 -1.16
CA GLU A 12 -5.42 2.77 -0.09
C GLU A 12 -4.04 2.30 0.37
N CYS A 13 -3.19 1.88 -0.53
CA CYS A 13 -1.85 1.40 -0.04
C CYS A 13 -1.20 2.47 0.81
N TRP A 14 -1.37 3.69 0.42
CA TRP A 14 -0.75 4.80 1.20
C TRP A 14 -0.99 4.78 2.69
N SER A 15 -2.22 5.00 3.07
CA SER A 15 -2.53 5.00 4.53
C SER A 15 -2.15 3.68 5.18
N VAL A 16 -2.43 2.59 4.51
CA VAL A 16 -2.06 1.28 5.12
C VAL A 16 -0.56 1.24 5.42
N CYS A 17 0.21 1.47 4.40
CA CYS A 17 1.68 1.46 4.52
C CYS A 17 2.22 2.36 5.63
N GLN A 18 1.90 3.63 5.57
CA GLN A 18 2.41 4.55 6.61
C GLN A 18 1.98 4.16 8.03
N ARG A 19 0.81 3.61 8.16
CA ARG A 19 0.37 3.21 9.53
C ARG A 19 1.13 1.97 10.01
N LEU A 20 1.15 0.97 9.18
CA LEU A 20 1.85 -0.31 9.50
C LEU A 20 3.36 -0.20 9.69
N HIS A 21 4.00 0.45 8.76
CA HIS A 21 5.48 0.64 8.80
C HIS A 21 5.79 2.12 8.68
N ASN A 22 7.04 2.45 8.84
CA ASN A 22 7.45 3.87 8.74
C ASN A 22 7.62 4.20 7.26
N THR A 23 6.51 4.32 6.60
CA THR A 23 6.52 4.64 5.14
C THR A 23 5.42 5.65 4.87
N SER A 24 5.15 5.79 3.61
CA SER A 24 4.10 6.74 3.15
C SER A 24 3.79 6.40 1.70
N ARG A 25 4.86 6.28 0.98
CA ARG A 25 4.77 5.95 -0.46
C ARG A 25 4.28 4.53 -0.68
N GLY A 26 3.27 4.45 -1.49
CA GLY A 26 2.68 3.12 -1.81
C GLY A 26 2.06 3.16 -3.20
N LYS A 27 1.90 1.99 -3.74
CA LYS A 27 1.31 1.83 -5.08
C LYS A 27 0.83 0.40 -5.19
N CYS A 28 -0.26 0.21 -5.88
CA CYS A 28 -0.80 -1.17 -6.01
C CYS A 28 -0.57 -1.85 -7.36
N MET A 29 -0.59 -3.15 -7.26
CA MET A 29 -0.40 -4.10 -8.39
C MET A 29 -1.68 -4.92 -8.36
N ASN A 30 -2.09 -5.38 -9.52
CA ASN A 30 -3.33 -6.20 -9.64
C ASN A 30 -3.46 -7.25 -8.54
N LYS A 31 -2.35 -7.73 -8.08
CA LYS A 31 -2.40 -8.75 -7.00
C LYS A 31 -2.77 -8.10 -5.67
N LYS A 32 -2.06 -7.06 -5.31
CA LYS A 32 -2.39 -6.39 -4.02
C LYS A 32 -1.80 -5.00 -3.97
N CYS A 33 -2.04 -4.32 -2.90
CA CYS A 33 -1.51 -2.96 -2.76
C CYS A 33 -0.08 -3.28 -2.30
N ARG A 34 0.85 -2.43 -2.58
CA ARG A 34 2.25 -2.71 -2.15
C ARG A 34 2.85 -1.42 -1.63
N CYS A 35 3.75 -1.56 -0.70
CA CYS A 35 4.40 -0.37 -0.11
C CYS A 35 5.84 -0.24 -0.56
N TYR A 36 6.29 0.98 -0.48
CA TYR A 36 7.68 1.31 -0.87
C TYR A 36 8.24 2.26 0.18
N SER A 37 9.53 2.24 0.30
CA SER A 37 10.18 3.12 1.30
C SER A 37 9.91 4.56 0.88
N PHE A 2 5.55 -6.01 1.24
CA PHE A 2 4.22 -6.33 0.63
C PHE A 2 3.15 -6.54 1.70
N THR A 3 1.94 -6.13 1.39
CA THR A 3 0.82 -6.28 2.36
C THR A 3 -0.24 -7.11 1.63
N ASN A 4 -0.99 -7.88 2.37
CA ASN A 4 -2.06 -8.74 1.77
C ASN A 4 -3.34 -7.92 1.54
N VAL A 5 -3.15 -6.65 1.33
CA VAL A 5 -4.29 -5.73 1.10
C VAL A 5 -4.64 -5.57 -0.38
N SER A 6 -5.87 -5.78 -0.77
CA SER A 6 -6.17 -5.61 -2.23
C SER A 6 -6.66 -4.16 -2.35
N CYS A 7 -6.13 -3.43 -3.30
CA CYS A 7 -6.59 -2.01 -3.44
C CYS A 7 -7.69 -1.85 -4.48
N THR A 8 -8.17 -0.65 -4.55
CA THR A 8 -9.25 -0.28 -5.50
C THR A 8 -8.55 0.51 -6.62
N THR A 9 -7.56 1.26 -6.19
CA THR A 9 -6.75 2.11 -7.12
C THR A 9 -5.34 2.32 -6.55
N SER A 10 -5.27 2.93 -5.39
CA SER A 10 -3.94 3.21 -4.74
C SER A 10 -4.14 3.87 -3.37
N LYS A 11 -5.21 4.61 -3.26
CA LYS A 11 -5.54 5.32 -1.98
C LYS A 11 -5.39 4.38 -0.78
N GLU A 12 -5.67 3.13 -1.05
CA GLU A 12 -5.59 2.09 0.01
C GLU A 12 -4.16 1.96 0.53
N CYS A 13 -3.26 1.59 -0.34
CA CYS A 13 -1.86 1.46 0.14
C CYS A 13 -1.31 2.63 0.91
N TRP A 14 -1.69 3.81 0.55
CA TRP A 14 -1.14 4.98 1.30
C TRP A 14 -1.35 4.86 2.82
N SER A 15 -2.58 4.97 3.24
CA SER A 15 -2.88 4.87 4.71
C SER A 15 -2.29 3.60 5.34
N VAL A 16 -2.46 2.50 4.67
CA VAL A 16 -1.93 1.20 5.19
C VAL A 16 -0.42 1.26 5.43
N CYS A 17 0.30 1.56 4.39
CA CYS A 17 1.79 1.65 4.47
C CYS A 17 2.23 2.52 5.64
N GLN A 18 1.66 3.69 5.70
CA GLN A 18 2.01 4.64 6.78
C GLN A 18 1.78 4.08 8.18
N ARG A 19 0.64 3.51 8.40
CA ARG A 19 0.34 2.94 9.75
C ARG A 19 1.17 1.69 10.11
N LEU A 20 1.28 0.79 9.18
CA LEU A 20 2.06 -0.47 9.41
C LEU A 20 3.59 -0.34 9.46
N HIS A 21 4.19 0.40 8.56
CA HIS A 21 5.68 0.52 8.57
C HIS A 21 6.19 1.99 8.54
N ASN A 22 5.30 2.93 8.68
CA ASN A 22 5.68 4.39 8.66
C ASN A 22 6.54 4.75 7.44
N THR A 23 5.84 4.89 6.36
CA THR A 23 6.47 5.23 5.06
C THR A 23 5.65 6.33 4.38
N SER A 24 5.80 6.41 3.09
CA SER A 24 5.04 7.43 2.30
C SER A 24 4.75 6.95 0.89
N ARG A 25 5.73 6.31 0.31
CA ARG A 25 5.53 5.80 -1.08
C ARG A 25 4.83 4.45 -1.06
N GLY A 26 3.60 4.44 -1.49
CA GLY A 26 2.82 3.18 -1.52
C GLY A 26 2.08 3.14 -2.84
N LYS A 27 1.87 1.96 -3.35
CA LYS A 27 1.14 1.84 -4.64
C LYS A 27 0.54 0.45 -4.73
N CYS A 28 -0.09 0.14 -5.83
CA CYS A 28 -0.70 -1.21 -5.91
C CYS A 28 -0.87 -1.80 -7.31
N MET A 29 -0.62 -3.09 -7.34
CA MET A 29 -0.72 -3.90 -8.57
C MET A 29 -2.12 -4.48 -8.51
N ASN A 30 -2.69 -4.76 -9.66
CA ASN A 30 -4.07 -5.31 -9.74
C ASN A 30 -4.28 -6.43 -8.72
N LYS A 31 -3.21 -7.10 -8.42
CA LYS A 31 -3.30 -8.20 -7.44
C LYS A 31 -3.34 -7.62 -6.01
N LYS A 32 -2.41 -6.75 -5.68
CA LYS A 32 -2.42 -6.17 -4.29
C LYS A 32 -1.54 -4.93 -4.08
N CYS A 33 -1.81 -4.32 -2.96
CA CYS A 33 -1.11 -3.11 -2.50
C CYS A 33 0.23 -3.48 -1.85
N ARG A 34 1.19 -2.63 -2.08
CA ARG A 34 2.55 -2.84 -1.53
C ARG A 34 3.17 -1.49 -1.23
N CYS A 35 4.12 -1.50 -0.34
CA CYS A 35 4.81 -0.24 0.05
C CYS A 35 6.29 -0.29 -0.26
N TYR A 36 6.81 0.87 -0.56
CA TYR A 36 8.25 1.00 -0.88
C TYR A 36 8.83 1.91 0.19
N SER A 37 10.13 1.91 0.31
CA SER A 37 10.81 2.76 1.32
C SER A 37 10.72 4.27 1.02
N PHE A 2 5.98 -5.75 1.49
CA PHE A 2 4.71 -6.33 0.98
C PHE A 2 3.58 -6.19 2.00
N THR A 3 2.40 -6.25 1.46
CA THR A 3 1.16 -6.15 2.28
C THR A 3 0.14 -7.06 1.61
N ASN A 4 -0.55 -7.82 2.42
CA ASN A 4 -1.58 -8.76 1.87
C ASN A 4 -2.91 -8.01 1.64
N VAL A 5 -2.82 -6.71 1.59
CA VAL A 5 -4.04 -5.87 1.36
C VAL A 5 -4.37 -5.70 -0.12
N SER A 6 -5.58 -6.01 -0.51
CA SER A 6 -5.93 -5.84 -1.96
C SER A 6 -6.33 -4.38 -2.12
N CYS A 7 -6.39 -3.89 -3.32
CA CYS A 7 -6.77 -2.46 -3.49
C CYS A 7 -7.28 -2.09 -4.88
N THR A 8 -8.15 -1.11 -4.89
CA THR A 8 -8.74 -0.64 -6.16
C THR A 8 -8.17 0.75 -6.49
N THR A 9 -7.99 1.51 -5.45
CA THR A 9 -7.44 2.90 -5.61
C THR A 9 -6.21 3.09 -4.71
N SER A 10 -5.21 3.71 -5.26
CA SER A 10 -3.96 3.94 -4.47
C SER A 10 -4.22 4.74 -3.19
N LYS A 11 -5.32 5.46 -3.16
CA LYS A 11 -5.66 6.28 -1.95
C LYS A 11 -5.58 5.39 -0.71
N GLU A 12 -6.08 4.20 -0.89
CA GLU A 12 -6.10 3.20 0.19
C GLU A 12 -4.71 2.68 0.53
N CYS A 13 -3.95 2.37 -0.49
CA CYS A 13 -2.58 1.87 -0.22
C CYS A 13 -1.82 2.77 0.71
N TRP A 14 -1.95 4.04 0.49
CA TRP A 14 -1.22 5.01 1.35
C TRP A 14 -1.52 4.86 2.83
N SER A 15 -2.77 5.05 3.20
CA SER A 15 -3.12 4.92 4.64
C SER A 15 -2.53 3.63 5.22
N VAL A 16 -2.75 2.55 4.52
CA VAL A 16 -2.22 1.24 5.00
C VAL A 16 -0.71 1.25 5.23
N CYS A 17 0.03 1.51 4.18
CA CYS A 17 1.51 1.54 4.31
C CYS A 17 1.97 2.43 5.46
N GLN A 18 1.44 3.62 5.52
CA GLN A 18 1.83 4.57 6.61
C GLN A 18 1.60 3.99 8.01
N ARG A 19 0.41 3.51 8.25
CA ARG A 19 0.12 2.95 9.60
C ARG A 19 0.99 1.74 9.96
N LEU A 20 1.11 0.84 9.03
CA LEU A 20 1.94 -0.36 9.27
C LEU A 20 3.43 -0.08 9.41
N HIS A 21 3.98 0.62 8.46
CA HIS A 21 5.44 0.94 8.50
C HIS A 21 5.68 2.44 8.25
N ASN A 22 6.84 2.90 8.64
CA ASN A 22 7.17 4.34 8.45
C ASN A 22 7.44 4.55 6.95
N THR A 23 6.39 4.78 6.23
CA THR A 23 6.49 5.00 4.76
C THR A 23 5.59 6.14 4.33
N SER A 24 5.39 6.19 3.05
CA SER A 24 4.54 7.24 2.43
C SER A 24 4.32 6.81 0.97
N ARG A 25 5.39 6.36 0.38
CA ARG A 25 5.34 5.90 -1.04
C ARG A 25 4.79 4.48 -1.17
N GLY A 26 3.62 4.40 -1.75
CA GLY A 26 2.97 3.09 -1.94
C GLY A 26 2.07 3.14 -3.19
N LYS A 27 1.80 1.98 -3.72
CA LYS A 27 0.94 1.90 -4.92
C LYS A 27 0.27 0.54 -5.02
N CYS A 28 -0.73 0.47 -5.84
CA CYS A 28 -1.45 -0.84 -6.00
C CYS A 28 -1.20 -1.58 -7.32
N MET A 29 -1.00 -2.87 -7.21
CA MET A 29 -0.76 -3.70 -8.41
C MET A 29 -2.00 -4.60 -8.43
N ASN A 30 -2.38 -4.99 -9.61
CA ASN A 30 -3.59 -5.85 -9.83
C ASN A 30 -3.71 -7.00 -8.83
N LYS A 31 -2.60 -7.40 -8.30
CA LYS A 31 -2.62 -8.51 -7.32
C LYS A 31 -2.90 -7.97 -5.92
N LYS A 32 -2.18 -6.95 -5.53
CA LYS A 32 -2.38 -6.38 -4.16
C LYS A 32 -1.60 -5.09 -4.04
N CYS A 33 -1.69 -4.48 -2.89
CA CYS A 33 -0.92 -3.22 -2.72
C CYS A 33 0.49 -3.56 -2.28
N ARG A 34 1.38 -2.64 -2.55
CA ARG A 34 2.80 -2.83 -2.18
C ARG A 34 3.36 -1.47 -1.79
N CYS A 35 4.24 -1.49 -0.83
CA CYS A 35 4.89 -0.24 -0.34
C CYS A 35 6.37 -0.42 -0.66
N TYR A 36 7.07 0.66 -0.79
CA TYR A 36 8.53 0.54 -1.10
C TYR A 36 9.47 0.87 0.06
N SER A 37 9.25 1.99 0.68
CA SER A 37 10.14 2.36 1.82
C SER A 37 9.77 1.56 3.07
N PHE A 2 5.48 -6.25 0.97
CA PHE A 2 4.07 -6.69 0.78
C PHE A 2 3.15 -6.63 2.00
N THR A 3 1.91 -6.42 1.67
CA THR A 3 0.83 -6.34 2.68
C THR A 3 -0.25 -7.22 2.04
N ASN A 4 -1.05 -7.87 2.85
CA ASN A 4 -2.10 -8.74 2.23
C ASN A 4 -3.33 -7.93 1.80
N VAL A 5 -3.13 -6.65 1.68
CA VAL A 5 -4.26 -5.75 1.27
C VAL A 5 -4.43 -5.57 -0.25
N SER A 6 -5.57 -5.88 -0.80
CA SER A 6 -5.72 -5.69 -2.27
C SER A 6 -6.17 -4.25 -2.47
N CYS A 7 -6.50 -3.87 -3.68
CA CYS A 7 -6.93 -2.46 -3.85
C CYS A 7 -7.80 -2.24 -5.08
N THR A 8 -8.07 -0.98 -5.24
CA THR A 8 -8.89 -0.45 -6.36
C THR A 8 -8.19 0.85 -6.79
N THR A 9 -7.76 1.62 -5.81
CA THR A 9 -7.05 2.91 -6.08
C THR A 9 -5.86 3.01 -5.11
N SER A 10 -4.74 3.48 -5.58
CA SER A 10 -3.53 3.60 -4.70
C SER A 10 -3.77 4.42 -3.42
N LYS A 11 -4.83 5.18 -3.44
CA LYS A 11 -5.16 6.04 -2.25
C LYS A 11 -5.20 5.14 -1.00
N GLU A 12 -5.60 3.93 -1.21
CA GLU A 12 -5.69 2.94 -0.10
C GLU A 12 -4.32 2.53 0.44
N CYS A 13 -3.45 2.18 -0.47
CA CYS A 13 -2.10 1.77 -0.03
C CYS A 13 -1.43 2.76 0.91
N TRP A 14 -1.59 4.01 0.61
CA TRP A 14 -0.97 5.04 1.47
C TRP A 14 -1.38 4.90 2.95
N SER A 15 -2.64 5.03 3.24
CA SER A 15 -3.06 4.90 4.67
C SER A 15 -2.49 3.62 5.29
N VAL A 16 -2.70 2.52 4.61
CA VAL A 16 -2.19 1.22 5.13
C VAL A 16 -0.70 1.24 5.45
N CYS A 17 0.09 1.50 4.45
CA CYS A 17 1.56 1.55 4.64
C CYS A 17 1.96 2.43 5.80
N GLN A 18 1.40 3.61 5.88
CA GLN A 18 1.77 4.51 7.00
C GLN A 18 1.47 3.88 8.37
N ARG A 19 0.26 3.42 8.55
CA ARG A 19 -0.10 2.78 9.86
C ARG A 19 0.84 1.63 10.24
N LEU A 20 0.99 0.72 9.31
CA LEU A 20 1.87 -0.48 9.53
C LEU A 20 3.37 -0.21 9.59
N HIS A 21 3.87 0.42 8.57
CA HIS A 21 5.33 0.72 8.51
C HIS A 21 5.60 2.22 8.41
N ASN A 22 6.81 2.59 8.74
CA ASN A 22 7.20 4.03 8.69
C ASN A 22 7.60 4.37 7.25
N THR A 23 6.62 4.41 6.39
CA THR A 23 6.87 4.73 4.96
C THR A 23 6.01 5.93 4.56
N SER A 24 5.86 6.06 3.27
CA SER A 24 5.05 7.19 2.73
C SER A 24 4.57 6.84 1.33
N ARG A 25 5.48 6.35 0.55
CA ARG A 25 5.14 5.97 -0.86
C ARG A 25 4.48 4.58 -0.83
N GLY A 26 3.52 4.36 -1.69
CA GLY A 26 2.85 3.03 -1.71
C GLY A 26 2.07 2.91 -3.02
N LYS A 27 1.99 1.71 -3.56
CA LYS A 27 1.25 1.54 -4.83
C LYS A 27 0.63 0.16 -4.83
N CYS A 28 -0.15 -0.15 -5.83
CA CYS A 28 -0.78 -1.50 -5.86
C CYS A 28 -1.04 -2.03 -7.25
N MET A 29 -0.66 -3.27 -7.41
CA MET A 29 -0.84 -3.96 -8.71
C MET A 29 -2.16 -4.65 -8.53
N ASN A 30 -2.82 -4.91 -9.64
CA ASN A 30 -4.15 -5.60 -9.65
C ASN A 30 -4.13 -6.75 -8.66
N LYS A 31 -2.96 -7.31 -8.50
CA LYS A 31 -2.82 -8.43 -7.57
C LYS A 31 -3.02 -7.91 -6.13
N LYS A 32 -2.17 -7.01 -5.70
CA LYS A 32 -2.29 -6.46 -4.31
C LYS A 32 -1.41 -5.22 -4.08
N CYS A 33 -1.55 -4.63 -2.92
CA CYS A 33 -0.73 -3.43 -2.60
C CYS A 33 0.63 -3.79 -2.01
N ARG A 34 1.55 -2.90 -2.23
CA ARG A 34 2.93 -3.06 -1.73
C ARG A 34 3.44 -1.66 -1.47
N CYS A 35 4.17 -1.53 -0.40
CA CYS A 35 4.73 -0.20 -0.03
C CYS A 35 6.09 0.01 -0.68
N TYR A 36 6.50 1.25 -0.70
CA TYR A 36 7.81 1.60 -1.30
C TYR A 36 8.59 2.49 -0.37
N SER A 37 9.89 2.38 -0.50
CA SER A 37 10.80 3.20 0.34
C SER A 37 10.58 4.68 0.05
N PHE A 2 5.95 -5.71 1.77
CA PHE A 2 4.77 -6.38 1.16
C PHE A 2 3.54 -6.28 2.06
N THR A 3 2.39 -6.30 1.44
CA THR A 3 1.10 -6.22 2.19
C THR A 3 0.12 -7.08 1.43
N ASN A 4 -0.55 -7.91 2.16
CA ASN A 4 -1.55 -8.84 1.54
C ASN A 4 -2.89 -8.12 1.32
N VAL A 5 -2.85 -6.83 1.52
CA VAL A 5 -4.08 -6.01 1.34
C VAL A 5 -4.39 -5.81 -0.14
N SER A 6 -5.62 -5.98 -0.55
CA SER A 6 -5.94 -5.78 -2.00
C SER A 6 -6.35 -4.32 -2.18
N CYS A 7 -6.69 -3.91 -3.37
CA CYS A 7 -7.09 -2.48 -3.52
C CYS A 7 -8.07 -2.23 -4.68
N THR A 8 -8.21 -0.96 -4.94
CA THR A 8 -9.08 -0.44 -6.03
C THR A 8 -8.39 0.84 -6.56
N THR A 9 -7.91 1.64 -5.65
CA THR A 9 -7.21 2.91 -6.01
C THR A 9 -6.04 3.10 -5.04
N SER A 10 -4.93 3.57 -5.54
CA SER A 10 -3.70 3.80 -4.70
C SER A 10 -3.98 4.61 -3.42
N LYS A 11 -5.07 5.34 -3.45
CA LYS A 11 -5.45 6.16 -2.26
C LYS A 11 -5.45 5.27 -1.00
N GLU A 12 -5.84 4.05 -1.20
CA GLU A 12 -5.90 3.09 -0.06
C GLU A 12 -4.54 2.59 0.36
N CYS A 13 -3.70 2.33 -0.59
CA CYS A 13 -2.34 1.83 -0.21
C CYS A 13 -1.65 2.77 0.76
N TRP A 14 -1.75 4.03 0.49
CA TRP A 14 -1.08 5.02 1.40
C TRP A 14 -1.48 4.90 2.85
N SER A 15 -2.76 4.92 3.13
CA SER A 15 -3.17 4.79 4.56
C SER A 15 -2.54 3.54 5.17
N VAL A 16 -2.78 2.42 4.53
CA VAL A 16 -2.23 1.14 5.04
C VAL A 16 -0.71 1.23 5.27
N CYS A 17 0.01 1.59 4.24
CA CYS A 17 1.48 1.70 4.38
C CYS A 17 1.88 2.59 5.55
N GLN A 18 1.36 3.78 5.65
CA GLN A 18 1.74 4.66 6.79
C GLN A 18 1.45 4.00 8.14
N ARG A 19 0.27 3.48 8.29
CA ARG A 19 -0.11 2.82 9.57
C ARG A 19 0.85 1.68 9.96
N LEU A 20 1.06 0.79 9.04
CA LEU A 20 1.96 -0.38 9.29
C LEU A 20 3.47 -0.09 9.34
N HIS A 21 3.96 0.62 8.37
CA HIS A 21 5.43 0.93 8.33
C HIS A 21 5.69 2.43 8.16
N ASN A 22 6.87 2.81 8.56
CA ASN A 22 7.30 4.23 8.46
C ASN A 22 7.72 4.55 7.02
N THR A 23 6.74 4.72 6.17
CA THR A 23 7.02 5.04 4.75
C THR A 23 5.77 5.67 4.18
N SER A 24 5.98 6.55 3.24
CA SER A 24 4.84 7.25 2.61
C SER A 24 4.54 6.70 1.21
N ARG A 25 5.57 6.18 0.58
CA ARG A 25 5.41 5.61 -0.78
C ARG A 25 4.61 4.31 -0.82
N GLY A 26 3.59 4.29 -1.61
CA GLY A 26 2.74 3.08 -1.72
C GLY A 26 1.96 3.04 -3.04
N LYS A 27 1.88 1.88 -3.64
CA LYS A 27 1.15 1.74 -4.94
C LYS A 27 0.52 0.36 -4.92
N CYS A 28 -0.26 0.08 -5.93
CA CYS A 28 -0.92 -1.27 -5.95
C CYS A 28 -0.91 -1.90 -7.34
N MET A 29 -0.78 -3.19 -7.31
CA MET A 29 -0.76 -4.02 -8.53
C MET A 29 -2.13 -4.67 -8.45
N ASN A 30 -2.71 -4.93 -9.59
CA ASN A 30 -4.08 -5.55 -9.63
C ASN A 30 -4.21 -6.70 -8.63
N LYS A 31 -3.12 -7.35 -8.36
CA LYS A 31 -3.16 -8.47 -7.40
C LYS A 31 -3.30 -7.96 -5.96
N LYS A 32 -2.45 -7.05 -5.56
CA LYS A 32 -2.53 -6.50 -4.16
C LYS A 32 -1.68 -5.24 -4.03
N CYS A 33 -1.67 -4.63 -2.87
CA CYS A 33 -0.86 -3.39 -2.69
C CYS A 33 0.57 -3.73 -2.26
N ARG A 34 1.44 -2.78 -2.46
CA ARG A 34 2.87 -2.95 -2.09
C ARG A 34 3.39 -1.58 -1.70
N CYS A 35 4.20 -1.54 -0.68
CA CYS A 35 4.77 -0.25 -0.21
C CYS A 35 6.26 -0.30 -0.52
N TYR A 36 6.91 0.80 -0.34
CA TYR A 36 8.37 0.87 -0.60
C TYR A 36 9.07 1.51 0.60
N SER A 37 10.37 1.47 0.59
CA SER A 37 11.11 2.07 1.74
C SER A 37 10.82 3.57 1.77
N PHE A 2 5.88 -6.05 1.35
CA PHE A 2 4.57 -6.59 0.87
C PHE A 2 3.48 -6.61 1.94
N THR A 3 2.27 -6.46 1.49
CA THR A 3 1.08 -6.48 2.40
C THR A 3 -0.04 -7.21 1.64
N ASN A 4 -0.72 -8.07 2.35
CA ASN A 4 -1.82 -8.84 1.72
C ASN A 4 -3.13 -8.04 1.71
N VAL A 5 -2.97 -6.78 1.47
CA VAL A 5 -4.14 -5.85 1.42
C VAL A 5 -4.54 -5.62 -0.04
N SER A 6 -5.76 -5.93 -0.41
CA SER A 6 -6.16 -5.70 -1.83
C SER A 6 -6.42 -4.20 -2.02
N CYS A 7 -6.50 -3.77 -3.25
CA CYS A 7 -6.75 -2.32 -3.49
C CYS A 7 -7.34 -2.02 -4.87
N THR A 8 -8.35 -1.18 -4.86
CA THR A 8 -9.03 -0.77 -6.11
C THR A 8 -8.50 0.59 -6.59
N THR A 9 -8.11 1.39 -5.62
CA THR A 9 -7.56 2.75 -5.92
C THR A 9 -6.32 3.04 -5.06
N SER A 10 -5.33 3.64 -5.65
CA SER A 10 -4.05 3.98 -4.93
C SER A 10 -4.19 4.66 -3.55
N LYS A 11 -5.24 5.41 -3.35
CA LYS A 11 -5.43 6.10 -2.04
C LYS A 11 -5.42 5.09 -0.87
N GLU A 12 -5.82 3.89 -1.19
CA GLU A 12 -5.89 2.79 -0.19
C GLU A 12 -4.50 2.47 0.33
N CYS A 13 -3.64 2.24 -0.61
CA CYS A 13 -2.24 1.91 -0.26
C CYS A 13 -1.60 2.92 0.67
N TRP A 14 -1.89 4.17 0.46
CA TRP A 14 -1.27 5.19 1.36
C TRP A 14 -1.60 4.96 2.83
N SER A 15 -2.86 4.92 3.17
CA SER A 15 -3.21 4.69 4.59
C SER A 15 -2.44 3.48 5.16
N VAL A 16 -2.50 2.39 4.44
CA VAL A 16 -1.79 1.16 4.89
C VAL A 16 -0.27 1.37 5.11
N CYS A 17 0.41 1.86 4.10
CA CYS A 17 1.89 2.11 4.19
C CYS A 17 2.18 2.94 5.46
N GLN A 18 1.36 3.90 5.73
CA GLN A 18 1.58 4.74 6.95
C GLN A 18 1.32 3.97 8.26
N ARG A 19 0.21 3.27 8.30
CA ARG A 19 -0.16 2.47 9.51
C ARG A 19 0.83 1.40 10.00
N LEU A 20 1.10 0.43 9.16
CA LEU A 20 2.03 -0.68 9.52
C LEU A 20 3.50 -0.36 9.27
N HIS A 21 3.71 0.52 8.34
CA HIS A 21 5.10 0.91 8.00
C HIS A 21 5.41 2.36 8.39
N ASN A 22 6.63 2.76 8.13
CA ASN A 22 7.07 4.14 8.45
C ASN A 22 7.74 4.70 7.20
N THR A 23 6.90 4.84 6.21
CA THR A 23 7.32 5.36 4.88
C THR A 23 6.16 6.25 4.38
N SER A 24 5.83 6.18 3.11
CA SER A 24 4.71 7.01 2.57
C SER A 24 4.35 6.53 1.17
N ARG A 25 5.37 6.40 0.38
CA ARG A 25 5.24 5.94 -1.04
C ARG A 25 4.72 4.51 -1.15
N GLY A 26 3.58 4.39 -1.77
CA GLY A 26 2.95 3.05 -1.96
C GLY A 26 2.01 3.11 -3.15
N LYS A 27 1.76 1.97 -3.73
CA LYS A 27 0.86 1.93 -4.91
C LYS A 27 0.25 0.54 -5.03
N CYS A 28 -0.70 0.41 -5.92
CA CYS A 28 -1.37 -0.91 -6.11
C CYS A 28 -1.18 -1.65 -7.44
N MET A 29 -1.02 -2.95 -7.33
CA MET A 29 -0.83 -3.81 -8.52
C MET A 29 -2.07 -4.69 -8.50
N ASN A 30 -2.50 -5.09 -9.67
CA ASN A 30 -3.71 -5.95 -9.84
C ASN A 30 -3.83 -7.04 -8.78
N LYS A 31 -2.71 -7.49 -8.31
CA LYS A 31 -2.74 -8.54 -7.27
C LYS A 31 -3.02 -7.97 -5.87
N LYS A 32 -2.29 -6.97 -5.44
CA LYS A 32 -2.53 -6.38 -4.08
C LYS A 32 -1.71 -5.09 -3.94
N CYS A 33 -1.74 -4.46 -2.79
CA CYS A 33 -0.95 -3.21 -2.63
C CYS A 33 0.48 -3.54 -2.17
N ARG A 34 1.39 -2.68 -2.53
CA ARG A 34 2.82 -2.85 -2.16
C ARG A 34 3.31 -1.46 -1.76
N CYS A 35 4.15 -1.41 -0.76
CA CYS A 35 4.69 -0.11 -0.30
C CYS A 35 6.20 -0.21 -0.36
N TYR A 36 6.86 0.90 -0.39
CA TYR A 36 8.35 0.89 -0.45
C TYR A 36 8.91 1.41 0.85
N SER A 37 10.14 1.04 1.13
CA SER A 37 10.78 1.49 2.39
C SER A 37 10.90 3.02 2.44
N PHE A 2 5.63 -5.82 1.45
CA PHE A 2 4.36 -6.41 0.93
C PHE A 2 3.30 -6.54 2.03
N THR A 3 2.07 -6.36 1.62
CA THR A 3 0.91 -6.45 2.57
C THR A 3 -0.18 -7.20 1.79
N ASN A 4 -0.92 -8.01 2.47
CA ASN A 4 -2.01 -8.77 1.79
C ASN A 4 -3.26 -7.92 1.60
N VAL A 5 -3.06 -6.63 1.56
CA VAL A 5 -4.20 -5.70 1.38
C VAL A 5 -4.48 -5.47 -0.11
N SER A 6 -5.65 -5.79 -0.61
CA SER A 6 -5.91 -5.56 -2.06
C SER A 6 -6.26 -4.07 -2.24
N CYS A 7 -6.68 -3.68 -3.41
CA CYS A 7 -7.02 -2.23 -3.57
C CYS A 7 -7.94 -2.02 -4.77
N THR A 8 -8.65 -0.92 -4.73
CA THR A 8 -9.58 -0.60 -5.85
C THR A 8 -8.82 0.30 -6.83
N THR A 9 -7.95 1.10 -6.29
CA THR A 9 -7.14 2.03 -7.14
C THR A 9 -5.72 2.25 -6.56
N SER A 10 -5.63 2.93 -5.46
CA SER A 10 -4.29 3.20 -4.82
C SER A 10 -4.42 3.91 -3.46
N LYS A 11 -5.50 4.64 -3.32
CA LYS A 11 -5.78 5.38 -2.06
C LYS A 11 -5.64 4.46 -0.84
N GLU A 12 -5.85 3.19 -1.07
CA GLU A 12 -5.75 2.21 0.04
C GLU A 12 -4.31 2.00 0.49
N CYS A 13 -3.42 1.79 -0.44
CA CYS A 13 -2.01 1.59 -0.02
C CYS A 13 -1.47 2.70 0.85
N TRP A 14 -1.84 3.89 0.48
CA TRP A 14 -1.36 5.06 1.24
C TRP A 14 -1.51 4.92 2.75
N SER A 15 -2.73 4.85 3.20
CA SER A 15 -2.95 4.71 4.67
C SER A 15 -2.19 3.50 5.25
N VAL A 16 -2.32 2.38 4.59
CA VAL A 16 -1.64 1.13 5.05
C VAL A 16 -0.12 1.29 5.24
N CYS A 17 0.55 1.71 4.19
CA CYS A 17 2.02 1.92 4.20
C CYS A 17 2.43 2.78 5.41
N GLN A 18 1.73 3.86 5.60
CA GLN A 18 2.08 4.73 6.76
C GLN A 18 1.83 4.07 8.12
N ARG A 19 0.70 3.45 8.30
CA ARG A 19 0.42 2.81 9.61
C ARG A 19 1.36 1.66 10.05
N LEU A 20 1.52 0.68 9.20
CA LEU A 20 2.41 -0.48 9.54
C LEU A 20 3.87 -0.31 9.21
N HIS A 21 4.11 0.43 8.18
CA HIS A 21 5.52 0.65 7.73
C HIS A 21 6.11 2.02 8.07
N ASN A 22 5.24 2.97 8.23
CA ASN A 22 5.67 4.36 8.56
C ASN A 22 6.51 4.91 7.40
N THR A 23 5.81 5.08 6.30
CA THR A 23 6.38 5.59 5.04
C THR A 23 5.20 6.16 4.24
N SER A 24 5.48 7.15 3.45
CA SER A 24 4.39 7.77 2.62
C SER A 24 4.21 7.05 1.28
N ARG A 25 5.31 6.76 0.66
CA ARG A 25 5.28 6.06 -0.66
C ARG A 25 4.70 4.64 -0.66
N GLY A 26 3.72 4.49 -1.51
CA GLY A 26 3.01 3.20 -1.67
C GLY A 26 2.19 3.23 -2.95
N LYS A 27 1.93 2.07 -3.49
CA LYS A 27 1.15 1.98 -4.75
C LYS A 27 0.56 0.58 -4.86
N CYS A 28 -0.32 0.36 -5.81
CA CYS A 28 -0.90 -1.01 -5.91
C CYS A 28 -1.11 -1.56 -7.31
N MET A 29 -0.92 -2.85 -7.38
CA MET A 29 -1.06 -3.61 -8.65
C MET A 29 -2.39 -4.33 -8.47
N ASN A 30 -3.04 -4.61 -9.58
CA ASN A 30 -4.36 -5.31 -9.56
C ASN A 30 -4.37 -6.46 -8.57
N LYS A 31 -3.21 -7.03 -8.43
CA LYS A 31 -3.07 -8.16 -7.48
C LYS A 31 -3.23 -7.65 -6.03
N LYS A 32 -2.38 -6.74 -5.63
CA LYS A 32 -2.47 -6.21 -4.21
C LYS A 32 -1.64 -4.94 -4.02
N CYS A 33 -1.75 -4.39 -2.84
CA CYS A 33 -0.99 -3.17 -2.52
C CYS A 33 0.45 -3.49 -2.12
N ARG A 34 1.34 -2.57 -2.43
CA ARG A 34 2.77 -2.74 -2.10
C ARG A 34 3.32 -1.39 -1.69
N CYS A 35 4.22 -1.40 -0.73
CA CYS A 35 4.82 -0.13 -0.25
C CYS A 35 6.33 -0.15 -0.47
N TYR A 36 6.93 0.98 -0.21
CA TYR A 36 8.39 1.10 -0.38
C TYR A 36 9.02 1.76 0.84
N SER A 37 10.30 1.53 1.00
CA SER A 37 11.02 2.11 2.17
C SER A 37 12.53 2.05 1.92
N PHE A 2 5.85 -5.37 1.44
CA PHE A 2 4.63 -6.08 0.95
C PHE A 2 3.52 -6.18 2.00
N THR A 3 2.31 -6.17 1.51
CA THR A 3 1.10 -6.25 2.37
C THR A 3 0.09 -7.15 1.64
N ASN A 4 -0.64 -7.93 2.40
CA ASN A 4 -1.66 -8.84 1.81
C ASN A 4 -2.98 -8.10 1.53
N VAL A 5 -2.92 -6.80 1.65
CA VAL A 5 -4.12 -5.96 1.40
C VAL A 5 -4.45 -5.76 -0.08
N SER A 6 -5.68 -6.00 -0.48
CA SER A 6 -6.05 -5.81 -1.91
C SER A 6 -6.35 -4.32 -2.10
N CYS A 7 -6.48 -3.88 -3.32
CA CYS A 7 -6.77 -2.44 -3.53
C CYS A 7 -7.38 -2.15 -4.90
N THR A 8 -8.18 -1.11 -4.95
CA THR A 8 -8.84 -0.70 -6.22
C THR A 8 -8.33 0.70 -6.60
N THR A 9 -7.91 1.42 -5.59
CA THR A 9 -7.38 2.80 -5.78
C THR A 9 -6.18 3.01 -4.84
N SER A 10 -5.17 3.65 -5.33
CA SER A 10 -3.94 3.91 -4.51
C SER A 10 -4.20 4.65 -3.19
N LYS A 11 -5.33 5.31 -3.14
CA LYS A 11 -5.69 6.08 -1.91
C LYS A 11 -5.71 5.13 -0.69
N GLU A 12 -6.03 3.89 -0.96
CA GLU A 12 -6.08 2.88 0.13
C GLU A 12 -4.68 2.45 0.54
N CYS A 13 -3.90 2.16 -0.45
CA CYS A 13 -2.49 1.73 -0.17
C CYS A 13 -1.76 2.68 0.77
N TRP A 14 -1.93 3.96 0.52
CA TRP A 14 -1.22 4.94 1.38
C TRP A 14 -1.57 4.86 2.86
N SER A 15 -2.83 4.94 3.19
CA SER A 15 -3.21 4.85 4.63
C SER A 15 -2.56 3.62 5.27
N VAL A 16 -2.76 2.50 4.63
CA VAL A 16 -2.18 1.22 5.13
C VAL A 16 -0.68 1.32 5.35
N CYS A 17 0.04 1.59 4.30
CA CYS A 17 1.52 1.70 4.43
C CYS A 17 1.93 2.63 5.58
N GLN A 18 1.38 3.81 5.63
CA GLN A 18 1.74 4.77 6.72
C GLN A 18 1.54 4.18 8.13
N ARG A 19 0.34 3.74 8.41
CA ARG A 19 0.04 3.14 9.75
C ARG A 19 0.97 1.98 10.13
N LEU A 20 1.13 1.05 9.24
CA LEU A 20 2.01 -0.14 9.50
C LEU A 20 3.52 0.10 9.51
N HIS A 21 4.01 0.78 8.50
CA HIS A 21 5.48 1.07 8.43
C HIS A 21 5.73 2.57 8.18
N ASN A 22 6.93 2.98 8.55
CA ASN A 22 7.31 4.41 8.37
C ASN A 22 7.68 4.68 6.89
N THR A 23 6.68 4.80 6.08
CA THR A 23 6.90 5.06 4.62
C THR A 23 5.62 5.68 4.05
N SER A 24 5.82 6.55 3.10
CA SER A 24 4.68 7.25 2.44
C SER A 24 4.42 6.68 1.06
N ARG A 25 5.49 6.31 0.39
CA ARG A 25 5.36 5.74 -0.98
C ARG A 25 4.56 4.43 -0.95
N GLY A 26 3.55 4.39 -1.77
CA GLY A 26 2.68 3.18 -1.86
C GLY A 26 1.91 3.20 -3.18
N LYS A 27 1.71 2.03 -3.73
CA LYS A 27 0.97 1.92 -5.02
C LYS A 27 0.32 0.55 -5.13
N CYS A 28 -0.65 0.42 -5.99
CA CYS A 28 -1.36 -0.88 -6.16
C CYS A 28 -1.10 -1.67 -7.47
N MET A 29 -0.92 -2.96 -7.35
CA MET A 29 -0.66 -3.84 -8.54
C MET A 29 -1.97 -4.62 -8.57
N ASN A 30 -2.45 -4.95 -9.74
CA ASN A 30 -3.74 -5.71 -9.87
C ASN A 30 -3.88 -6.88 -8.90
N LYS A 31 -2.76 -7.36 -8.46
CA LYS A 31 -2.77 -8.49 -7.51
C LYS A 31 -3.04 -8.00 -6.07
N LYS A 32 -2.30 -7.01 -5.60
CA LYS A 32 -2.52 -6.52 -4.20
C LYS A 32 -1.74 -5.19 -4.05
N CYS A 33 -1.74 -4.59 -2.88
CA CYS A 33 -0.98 -3.33 -2.72
C CYS A 33 0.49 -3.60 -2.36
N ARG A 34 1.34 -2.68 -2.74
CA ARG A 34 2.80 -2.80 -2.47
C ARG A 34 3.28 -1.44 -1.95
N CYS A 35 4.19 -1.49 -1.02
CA CYS A 35 4.75 -0.24 -0.43
C CYS A 35 6.26 -0.35 -0.64
N TYR A 36 6.98 0.59 -0.08
CA TYR A 36 8.46 0.57 -0.24
C TYR A 36 9.11 0.93 1.10
N SER A 37 10.29 0.42 1.27
CA SER A 37 11.05 0.69 2.53
C SER A 37 11.25 2.19 2.71
N PHE A 2 5.78 -6.00 1.39
CA PHE A 2 4.49 -6.57 0.91
C PHE A 2 3.40 -6.46 1.96
N THR A 3 2.18 -6.41 1.47
CA THR A 3 0.99 -6.31 2.36
C THR A 3 -0.07 -7.21 1.72
N ASN A 4 -0.78 -7.93 2.53
CA ASN A 4 -1.84 -8.82 1.96
C ASN A 4 -3.08 -8.01 1.64
N VAL A 5 -2.93 -6.72 1.72
CA VAL A 5 -4.08 -5.83 1.42
C VAL A 5 -4.33 -5.69 -0.07
N SER A 6 -5.54 -5.93 -0.50
CA SER A 6 -5.81 -5.79 -1.96
C SER A 6 -6.20 -4.34 -2.16
N CYS A 7 -6.23 -3.89 -3.39
CA CYS A 7 -6.61 -2.47 -3.57
C CYS A 7 -7.09 -2.15 -4.97
N THR A 8 -7.89 -1.13 -5.01
CA THR A 8 -8.47 -0.66 -6.30
C THR A 8 -7.96 0.76 -6.54
N THR A 9 -7.38 1.34 -5.52
CA THR A 9 -6.84 2.73 -5.66
C THR A 9 -5.60 2.98 -4.78
N SER A 10 -4.66 3.68 -5.34
CA SER A 10 -3.41 4.00 -4.60
C SER A 10 -3.72 4.80 -3.33
N LYS A 11 -4.79 5.55 -3.37
CA LYS A 11 -5.17 6.36 -2.18
C LYS A 11 -5.22 5.45 -0.95
N GLU A 12 -5.79 4.30 -1.14
CA GLU A 12 -5.89 3.33 -0.01
C GLU A 12 -4.54 2.79 0.41
N CYS A 13 -3.75 2.44 -0.56
CA CYS A 13 -2.41 1.90 -0.23
C CYS A 13 -1.67 2.79 0.76
N TRP A 14 -1.71 4.06 0.49
CA TRP A 14 -1.00 5.01 1.39
C TRP A 14 -1.39 4.90 2.85
N SER A 15 -2.63 5.09 3.17
CA SER A 15 -3.03 4.98 4.61
C SER A 15 -2.47 3.69 5.22
N VAL A 16 -2.76 2.60 4.57
CA VAL A 16 -2.27 1.29 5.09
C VAL A 16 -0.76 1.31 5.32
N CYS A 17 -0.03 1.59 4.28
CA CYS A 17 1.45 1.63 4.38
C CYS A 17 1.93 2.41 5.60
N GLN A 18 1.49 3.63 5.71
CA GLN A 18 1.89 4.49 6.86
C GLN A 18 1.57 3.86 8.20
N ARG A 19 0.36 3.41 8.37
CA ARG A 19 -0.01 2.78 9.67
C ARG A 19 0.83 1.55 10.00
N LEU A 20 0.95 0.68 9.05
CA LEU A 20 1.75 -0.56 9.29
C LEU A 20 3.25 -0.34 9.47
N HIS A 21 3.85 0.39 8.56
CA HIS A 21 5.31 0.63 8.67
C HIS A 21 5.61 2.10 8.44
N ASN A 22 6.81 2.49 8.74
CA ASN A 22 7.20 3.91 8.54
C ASN A 22 7.57 4.10 7.08
N THR A 23 6.57 4.10 6.25
CA THR A 23 6.79 4.27 4.79
C THR A 23 6.01 5.51 4.36
N SER A 24 5.82 5.59 3.08
CA SER A 24 5.07 6.77 2.55
C SER A 24 4.55 6.49 1.14
N ARG A 25 5.46 6.14 0.28
CA ARG A 25 5.05 5.87 -1.12
C ARG A 25 4.43 4.48 -1.18
N GLY A 26 3.43 4.35 -1.99
CA GLY A 26 2.76 3.03 -2.11
C GLY A 26 2.02 2.96 -3.43
N LYS A 27 1.97 1.77 -3.98
CA LYS A 27 1.28 1.58 -5.28
C LYS A 27 0.41 0.34 -5.20
N CYS A 28 -0.44 0.20 -6.17
CA CYS A 28 -1.33 -0.99 -6.17
C CYS A 28 -1.26 -1.84 -7.44
N MET A 29 -1.06 -3.12 -7.25
CA MET A 29 -0.97 -4.05 -8.40
C MET A 29 -2.29 -4.79 -8.30
N ASN A 30 -2.84 -5.14 -9.43
CA ASN A 30 -4.15 -5.87 -9.48
C ASN A 30 -4.15 -7.00 -8.46
N LYS A 31 -2.98 -7.49 -8.19
CA LYS A 31 -2.88 -8.58 -7.20
C LYS A 31 -3.07 -8.01 -5.78
N LYS A 32 -2.27 -7.05 -5.41
CA LYS A 32 -2.40 -6.45 -4.04
C LYS A 32 -1.62 -5.16 -3.96
N CYS A 33 -1.64 -4.53 -2.83
CA CYS A 33 -0.87 -3.27 -2.72
C CYS A 33 0.55 -3.63 -2.28
N ARG A 34 1.43 -2.73 -2.56
CA ARG A 34 2.85 -2.93 -2.18
C ARG A 34 3.34 -1.56 -1.77
N CYS A 35 4.01 -1.51 -0.66
CA CYS A 35 4.52 -0.20 -0.17
C CYS A 35 6.02 -0.12 -0.37
N TYR A 36 6.47 1.10 -0.37
CA TYR A 36 7.91 1.35 -0.55
C TYR A 36 8.37 2.31 0.54
N SER A 37 9.64 2.28 0.80
CA SER A 37 10.20 3.16 1.84
C SER A 37 9.91 4.61 1.46
N PHE A 2 5.47 -5.50 1.36
CA PHE A 2 4.23 -6.16 0.84
C PHE A 2 3.20 -6.42 1.93
N THR A 3 1.97 -6.08 1.62
CA THR A 3 0.85 -6.28 2.58
C THR A 3 -0.14 -7.24 1.90
N ASN A 4 -0.91 -7.94 2.69
CA ASN A 4 -1.90 -8.90 2.11
C ASN A 4 -3.18 -8.15 1.73
N VAL A 5 -3.07 -6.85 1.62
CA VAL A 5 -4.22 -6.00 1.27
C VAL A 5 -4.55 -5.87 -0.22
N SER A 6 -5.68 -6.36 -0.66
CA SER A 6 -6.01 -6.22 -2.11
C SER A 6 -6.34 -4.74 -2.36
N CYS A 7 -6.26 -4.31 -3.60
CA CYS A 7 -6.55 -2.87 -3.89
C CYS A 7 -7.01 -2.64 -5.34
N THR A 8 -7.51 -1.46 -5.54
CA THR A 8 -8.00 -1.02 -6.88
C THR A 8 -7.49 0.42 -7.12
N THR A 9 -7.41 1.18 -6.06
CA THR A 9 -6.92 2.60 -6.11
C THR A 9 -5.68 2.79 -5.24
N SER A 10 -4.71 3.52 -5.75
CA SER A 10 -3.46 3.75 -4.96
C SER A 10 -3.66 4.48 -3.62
N LYS A 11 -4.72 5.23 -3.51
CA LYS A 11 -4.98 5.97 -2.24
C LYS A 11 -5.08 5.05 -1.00
N GLU A 12 -5.35 3.79 -1.24
CA GLU A 12 -5.47 2.83 -0.11
C GLU A 12 -4.13 2.43 0.52
N CYS A 13 -3.19 2.12 -0.34
CA CYS A 13 -1.86 1.72 0.19
C CYS A 13 -1.30 2.76 1.15
N TRP A 14 -1.50 4.02 0.85
CA TRP A 14 -0.98 5.09 1.75
C TRP A 14 -1.29 4.85 3.23
N SER A 15 -2.55 4.96 3.57
CA SER A 15 -2.96 4.75 5.00
C SER A 15 -2.39 3.45 5.57
N VAL A 16 -2.63 2.40 4.83
CA VAL A 16 -2.14 1.06 5.27
C VAL A 16 -0.64 1.06 5.64
N CYS A 17 0.17 1.43 4.69
CA CYS A 17 1.63 1.47 4.91
C CYS A 17 2.03 2.34 6.10
N GLN A 18 1.52 3.54 6.16
CA GLN A 18 1.87 4.44 7.31
C GLN A 18 1.65 3.78 8.68
N ARG A 19 0.47 3.25 8.88
CA ARG A 19 0.16 2.59 10.17
C ARG A 19 1.05 1.38 10.49
N LEU A 20 1.13 0.47 9.56
CA LEU A 20 1.96 -0.75 9.76
C LEU A 20 3.47 -0.52 9.87
N HIS A 21 3.98 0.29 8.98
CA HIS A 21 5.45 0.59 8.97
C HIS A 21 5.67 2.10 9.16
N ASN A 22 6.40 2.70 8.26
CA ASN A 22 6.67 4.16 8.35
C ASN A 22 7.17 4.71 7.00
N THR A 23 6.32 4.59 6.04
CA THR A 23 6.63 5.07 4.65
C THR A 23 5.54 6.07 4.25
N SER A 24 5.31 6.14 2.97
CA SER A 24 4.27 7.07 2.43
C SER A 24 4.03 6.73 0.95
N ARG A 25 5.12 6.50 0.27
CA ARG A 25 5.09 6.14 -1.17
C ARG A 25 4.61 4.70 -1.38
N GLY A 26 3.66 4.56 -2.26
CA GLY A 26 3.11 3.20 -2.54
C GLY A 26 2.39 3.18 -3.90
N LYS A 27 2.10 2.00 -4.37
CA LYS A 27 1.39 1.84 -5.68
C LYS A 27 0.43 0.66 -5.56
N CYS A 28 -0.37 0.42 -6.56
CA CYS A 28 -1.33 -0.72 -6.48
C CYS A 28 -1.37 -1.65 -7.71
N MET A 29 -1.16 -2.93 -7.48
CA MET A 29 -1.20 -3.91 -8.59
C MET A 29 -2.49 -4.67 -8.35
N ASN A 30 -3.08 -5.13 -9.42
CA ASN A 30 -4.37 -5.87 -9.38
C ASN A 30 -4.41 -6.89 -8.24
N LYS A 31 -3.25 -7.38 -7.92
CA LYS A 31 -3.15 -8.38 -6.83
C LYS A 31 -3.19 -7.73 -5.43
N LYS A 32 -2.39 -6.72 -5.21
CA LYS A 32 -2.39 -6.07 -3.86
C LYS A 32 -1.78 -4.67 -3.88
N CYS A 33 -1.97 -3.97 -2.81
CA CYS A 33 -1.42 -2.58 -2.69
C CYS A 33 0.04 -2.89 -2.23
N ARG A 34 0.99 -2.12 -2.68
CA ARG A 34 2.42 -2.36 -2.28
C ARG A 34 3.07 -1.05 -1.82
N CYS A 35 3.94 -1.16 -0.83
CA CYS A 35 4.64 0.05 -0.27
C CYS A 35 6.10 0.05 -0.70
N TYR A 36 6.68 1.21 -0.80
CA TYR A 36 8.12 1.32 -1.20
C TYR A 36 8.94 1.82 -0.02
N SER A 37 10.22 1.50 -0.04
CA SER A 37 11.11 1.93 1.06
C SER A 37 11.16 3.47 1.12
N PHE A 2 5.64 -5.72 1.50
CA PHE A 2 4.40 -6.42 1.11
C PHE A 2 3.30 -6.36 2.17
N THR A 3 2.08 -6.37 1.68
CA THR A 3 0.88 -6.33 2.56
C THR A 3 -0.19 -7.18 1.88
N ASN A 4 -0.94 -7.90 2.67
CA ASN A 4 -2.02 -8.76 2.09
C ASN A 4 -3.28 -7.97 1.77
N VAL A 5 -3.14 -6.69 1.68
CA VAL A 5 -4.31 -5.82 1.38
C VAL A 5 -4.58 -5.65 -0.12
N SER A 6 -5.79 -5.84 -0.56
CA SER A 6 -6.08 -5.68 -2.01
C SER A 6 -6.39 -4.21 -2.30
N CYS A 7 -6.65 -3.86 -3.54
CA CYS A 7 -6.94 -2.42 -3.82
C CYS A 7 -7.92 -2.20 -4.97
N THR A 8 -8.18 -0.93 -5.14
CA THR A 8 -9.10 -0.41 -6.20
C THR A 8 -8.48 0.92 -6.65
N THR A 9 -8.07 1.71 -5.68
CA THR A 9 -7.43 3.03 -5.97
C THR A 9 -6.11 3.09 -5.18
N SER A 10 -5.09 3.55 -5.84
CA SER A 10 -3.73 3.67 -5.19
C SER A 10 -3.70 4.41 -3.84
N LYS A 11 -4.69 5.21 -3.59
CA LYS A 11 -4.72 5.96 -2.30
C LYS A 11 -4.78 5.01 -1.09
N GLU A 12 -5.21 3.81 -1.35
CA GLU A 12 -5.32 2.79 -0.29
C GLU A 12 -4.00 2.33 0.35
N CYS A 13 -3.05 1.95 -0.46
CA CYS A 13 -1.78 1.48 0.15
C CYS A 13 -1.16 2.55 1.04
N TRP A 14 -1.31 3.79 0.69
CA TRP A 14 -0.70 4.83 1.57
C TRP A 14 -1.12 4.72 3.02
N SER A 15 -2.39 4.89 3.28
CA SER A 15 -2.84 4.79 4.70
C SER A 15 -2.34 3.51 5.36
N VAL A 16 -2.52 2.41 4.68
CA VAL A 16 -2.07 1.11 5.24
C VAL A 16 -0.60 1.10 5.62
N CYS A 17 0.25 1.44 4.68
CA CYS A 17 1.70 1.45 4.96
C CYS A 17 2.04 2.35 6.13
N GLN A 18 1.47 3.53 6.16
CA GLN A 18 1.78 4.44 7.30
C GLN A 18 1.45 3.77 8.63
N ARG A 19 0.27 3.24 8.72
CA ARG A 19 -0.12 2.56 9.99
C ARG A 19 0.84 1.44 10.40
N LEU A 20 1.03 0.53 9.49
CA LEU A 20 1.94 -0.63 9.77
C LEU A 20 3.44 -0.33 9.84
N HIS A 21 3.94 0.30 8.82
CA HIS A 21 5.39 0.64 8.77
C HIS A 21 5.60 2.15 8.71
N ASN A 22 6.85 2.54 8.66
CA ASN A 22 7.18 3.99 8.60
C ASN A 22 7.63 4.39 7.20
N THR A 23 6.68 4.46 6.32
CA THR A 23 6.98 4.85 4.91
C THR A 23 5.97 5.91 4.49
N SER A 24 5.75 5.98 3.20
CA SER A 24 4.79 6.98 2.67
C SER A 24 4.47 6.60 1.23
N ARG A 25 5.50 6.29 0.50
CA ARG A 25 5.34 5.91 -0.92
C ARG A 25 4.69 4.53 -1.06
N GLY A 26 3.81 4.44 -2.02
CA GLY A 26 3.12 3.14 -2.25
C GLY A 26 2.30 3.21 -3.52
N LYS A 27 1.96 2.04 -4.01
CA LYS A 27 1.16 1.93 -5.26
C LYS A 27 0.53 0.55 -5.26
N CYS A 28 -0.13 0.14 -6.31
CA CYS A 28 -0.73 -1.23 -6.26
C CYS A 28 -0.67 -1.97 -7.60
N MET A 29 -0.61 -3.27 -7.47
CA MET A 29 -0.55 -4.18 -8.65
C MET A 29 -1.87 -4.92 -8.60
N ASN A 30 -2.31 -5.37 -9.75
CA ASN A 30 -3.61 -6.10 -9.86
C ASN A 30 -3.78 -7.12 -8.74
N LYS A 31 -2.69 -7.68 -8.29
CA LYS A 31 -2.79 -8.68 -7.21
C LYS A 31 -3.07 -8.04 -5.84
N LYS A 32 -2.32 -7.04 -5.49
CA LYS A 32 -2.53 -6.39 -4.15
C LYS A 32 -1.86 -5.01 -4.07
N CYS A 33 -2.01 -4.35 -2.96
CA CYS A 33 -1.41 -3.00 -2.77
C CYS A 33 0.03 -3.30 -2.30
N ARG A 34 0.97 -2.45 -2.60
CA ARG A 34 2.37 -2.72 -2.14
C ARG A 34 3.02 -1.40 -1.75
N CYS A 35 3.79 -1.44 -0.68
CA CYS A 35 4.47 -0.22 -0.19
C CYS A 35 5.91 -0.16 -0.70
N TYR A 36 6.42 1.04 -0.68
CA TYR A 36 7.81 1.31 -1.15
C TYR A 36 8.48 2.35 -0.26
N SER A 37 9.77 2.23 -0.20
CA SER A 37 10.54 3.20 0.62
C SER A 37 10.37 4.56 -0.04
N PHE A 2 5.58 -5.59 1.05
CA PHE A 2 4.24 -6.03 0.55
C PHE A 2 3.26 -6.21 1.72
N THR A 3 2.00 -5.99 1.45
CA THR A 3 0.95 -6.16 2.50
C THR A 3 -0.14 -7.04 1.88
N ASN A 4 -0.78 -7.85 2.68
CA ASN A 4 -1.84 -8.76 2.14
C ASN A 4 -3.17 -8.02 1.96
N VAL A 5 -3.07 -6.76 1.64
CA VAL A 5 -4.29 -5.94 1.44
C VAL A 5 -4.61 -5.78 -0.05
N SER A 6 -5.75 -6.24 -0.50
CA SER A 6 -6.06 -6.08 -1.94
C SER A 6 -6.44 -4.62 -2.18
N CYS A 7 -6.39 -4.21 -3.42
CA CYS A 7 -6.75 -2.79 -3.71
C CYS A 7 -7.16 -2.58 -5.16
N THR A 8 -7.51 -1.35 -5.41
CA THR A 8 -7.95 -0.90 -6.76
C THR A 8 -7.34 0.49 -7.04
N THR A 9 -7.26 1.29 -6.01
CA THR A 9 -6.69 2.67 -6.10
C THR A 9 -5.48 2.77 -5.16
N SER A 10 -4.42 3.37 -5.64
CA SER A 10 -3.18 3.53 -4.80
C SER A 10 -3.35 4.29 -3.47
N LYS A 11 -4.36 5.10 -3.37
CA LYS A 11 -4.57 5.86 -2.10
C LYS A 11 -4.81 4.91 -0.92
N GLU A 12 -5.17 3.71 -1.25
CA GLU A 12 -5.45 2.65 -0.23
C GLU A 12 -4.16 2.22 0.48
N CYS A 13 -3.20 1.82 -0.31
CA CYS A 13 -1.91 1.37 0.26
C CYS A 13 -1.32 2.42 1.18
N TRP A 14 -1.52 3.66 0.82
CA TRP A 14 -0.96 4.76 1.67
C TRP A 14 -1.34 4.59 3.14
N SER A 15 -2.60 4.82 3.44
CA SER A 15 -3.08 4.68 4.85
C SER A 15 -2.55 3.40 5.51
N VAL A 16 -2.70 2.32 4.80
CA VAL A 16 -2.22 1.02 5.35
C VAL A 16 -0.74 1.03 5.75
N CYS A 17 0.10 1.32 4.81
CA CYS A 17 1.56 1.34 5.13
C CYS A 17 1.92 2.35 6.20
N GLN A 18 1.20 3.44 6.28
CA GLN A 18 1.54 4.45 7.33
C GLN A 18 1.26 3.85 8.71
N ARG A 19 0.13 3.21 8.85
CA ARG A 19 -0.22 2.60 10.17
C ARG A 19 0.73 1.45 10.53
N LEU A 20 0.91 0.57 9.58
CA LEU A 20 1.79 -0.61 9.77
C LEU A 20 3.28 -0.25 9.86
N HIS A 21 3.75 0.34 8.80
CA HIS A 21 5.19 0.74 8.71
C HIS A 21 5.33 2.26 8.86
N ASN A 22 6.39 2.76 8.28
CA ASN A 22 6.66 4.22 8.33
C ASN A 22 7.24 4.62 6.98
N THR A 23 6.41 4.48 5.97
CA THR A 23 6.80 4.83 4.57
C THR A 23 5.86 5.91 4.04
N SER A 24 5.78 5.96 2.74
CA SER A 24 4.90 6.98 2.07
C SER A 24 4.65 6.57 0.63
N ARG A 25 5.75 6.32 -0.05
CA ARG A 25 5.66 5.91 -1.49
C ARG A 25 5.01 4.55 -1.62
N GLY A 26 3.86 4.53 -2.26
CA GLY A 26 3.16 3.22 -2.42
C GLY A 26 2.24 3.27 -3.63
N LYS A 27 1.84 2.10 -4.05
CA LYS A 27 0.94 1.99 -5.23
C LYS A 27 0.18 0.67 -5.22
N CYS A 28 -0.74 0.54 -6.13
CA CYS A 28 -1.56 -0.70 -6.22
C CYS A 28 -1.47 -1.46 -7.55
N MET A 29 -1.28 -2.75 -7.42
CA MET A 29 -1.18 -3.63 -8.63
C MET A 29 -2.46 -4.45 -8.45
N ASN A 30 -3.05 -4.87 -9.54
CA ASN A 30 -4.31 -5.66 -9.48
C ASN A 30 -4.25 -6.76 -8.43
N LYS A 31 -3.08 -7.28 -8.24
CA LYS A 31 -2.92 -8.35 -7.24
C LYS A 31 -3.10 -7.82 -5.81
N LYS A 32 -2.39 -6.77 -5.46
CA LYS A 32 -2.53 -6.21 -4.08
C LYS A 32 -1.92 -4.81 -3.96
N CYS A 33 -2.08 -4.22 -2.81
CA CYS A 33 -1.53 -2.85 -2.57
C CYS A 33 -0.13 -3.09 -1.97
N ARG A 34 0.82 -2.27 -2.31
CA ARG A 34 2.19 -2.48 -1.74
C ARG A 34 2.92 -1.16 -1.65
N CYS A 35 3.91 -1.08 -0.79
CA CYS A 35 4.66 0.20 -0.67
C CYS A 35 6.15 -0.07 -0.79
N TYR A 36 6.87 0.99 -0.98
CA TYR A 36 8.34 0.91 -1.13
C TYR A 36 9.01 1.82 -0.10
N SER A 37 10.29 1.71 -0.02
CA SER A 37 11.05 2.56 0.95
C SER A 37 10.88 4.04 0.59
#